data_8E9F
#
_entry.id   8E9F
#
_cell.length_a   81.361
_cell.length_b   86.040
_cell.length_c   41.032
_cell.angle_alpha   90.000
_cell.angle_beta   90.000
_cell.angle_gamma   90.000
#
_symmetry.space_group_name_H-M   'P 21 21 2'
#
loop_
_entity.id
_entity.type
_entity.pdbx_description
1 polymer 'WD repeat-containing protein 5'
2 non-polymer BENZAMIDINE
3 non-polymer 6-ethyl-4-[(5P)-7-[(1H-imidazol-1-yl)methyl]-5-[1-methyl-3-(trifluoromethyl)-1H-pyrazol-4-yl]-1-oxo-3,4-dihydroisoquinolin-2(1H)-yl]-N-methylquinoline-8-carboxamide
4 water water
#
_entity_poly.entity_id   1
_entity_poly.type   'polypeptide(L)'
_entity_poly.pdbx_seq_one_letter_code
;PVKPNYALKFTLAGHTKAVSSVKFSPNGEWLASSSADKLIKIWGAYDGKFEKTISGHKLGISDVAWSSDSNLLVSASDDK
TLKIWDVSSGKCLKTLKGHSNYVFCCNFNPQSNLIVSGSFDESVRIWDVKTGKCLKTLPAHSDPVSAVHFNRDGSLIVSS
SYDGLCRIWDTASGQCLKTLIDDDNPPVSFVKFSPNGKYILAATLDNTLKLWDYSKGKCLKTYTGHKNEKYCIFANFSVT
GGKWIVSGSEDNLVYIWNLQTKEIVQKLQGHTDVVISTACHPTENIIASAALENDKTIKLWKSDC
;
_entity_poly.pdbx_strand_id   A
#
loop_
_chem_comp.id
_chem_comp.type
_chem_comp.name
_chem_comp.formula
BEN non-polymer BENZAMIDINE 'C7 H8 N2'
UY9 non-polymer 6-ethyl-4-[(5P)-7-[(1H-imidazol-1-yl)methyl]-5-[1-methyl-3-(trifluoromethyl)-1H-pyrazol-4-yl]-1-oxo-3,4-dihydroisoquinolin-2(1H)-yl]-N-methylquinoline-8-carboxamide 'C31 H28 F3 N7 O2'
#
# COMPACT_ATOMS: atom_id res chain seq x y z
N PRO A 1 -7.75 4.03 24.59
CA PRO A 1 -6.30 3.95 24.80
C PRO A 1 -5.61 5.28 24.56
N VAL A 2 -4.55 5.57 25.30
CA VAL A 2 -3.78 6.79 25.09
C VAL A 2 -2.59 6.55 24.17
N LYS A 3 -1.80 5.52 24.46
CA LYS A 3 -0.66 5.13 23.63
C LYS A 3 -0.60 3.63 23.50
N PRO A 4 -0.15 3.13 22.35
CA PRO A 4 0.09 1.69 22.20
C PRO A 4 1.45 1.32 22.76
N ASN A 5 1.70 0.01 22.85
CA ASN A 5 2.95 -0.54 23.34
C ASN A 5 3.46 -1.62 22.40
N TYR A 6 3.55 -1.28 21.11
CA TYR A 6 4.04 -2.22 20.11
C TYR A 6 5.45 -2.66 20.45
N ALA A 7 5.68 -3.97 20.43
CA ALA A 7 6.98 -4.55 20.71
C ALA A 7 7.29 -5.59 19.65
N LEU A 8 8.58 -5.68 19.29
CA LEU A 8 9.00 -6.59 18.24
C LEU A 8 8.81 -8.03 18.68
N LYS A 9 8.12 -8.82 17.86
CA LYS A 9 7.95 -10.25 18.14
C LYS A 9 8.70 -11.15 17.18
N PHE A 10 8.66 -10.86 15.87
CA PHE A 10 9.32 -11.72 14.91
C PHE A 10 9.99 -10.87 13.85
N THR A 11 11.10 -11.38 13.33
CA THR A 11 11.79 -10.79 12.20
C THR A 11 11.89 -11.85 11.11
N LEU A 12 11.43 -11.49 9.91
CA LEU A 12 11.21 -12.42 8.81
C LEU A 12 12.28 -12.17 7.75
N ALA A 13 13.23 -13.09 7.65
CA ALA A 13 14.34 -13.00 6.71
C ALA A 13 14.15 -14.01 5.59
N GLY A 14 14.49 -13.60 4.37
CA GLY A 14 14.38 -14.50 3.24
C GLY A 14 14.50 -13.84 1.89
N HIS A 15 14.00 -12.61 1.76
CA HIS A 15 14.20 -11.90 0.52
C HIS A 15 15.68 -11.52 0.38
N THR A 16 16.18 -11.60 -0.84
CA THR A 16 17.60 -11.34 -1.09
C THR A 16 17.86 -9.95 -1.63
N LYS A 17 16.81 -9.16 -1.87
CA LYS A 17 16.94 -7.74 -2.17
C LYS A 17 15.86 -7.01 -1.37
N ALA A 18 15.83 -5.68 -1.52
CA ALA A 18 14.87 -4.87 -0.79
C ALA A 18 13.46 -5.44 -0.85
N VAL A 19 12.73 -5.29 0.25
CA VAL A 19 11.32 -5.65 0.30
C VAL A 19 10.53 -4.41 -0.10
N SER A 20 9.56 -4.57 -1.00
CA SER A 20 8.83 -3.42 -1.54
C SER A 20 7.46 -3.20 -0.91
N SER A 21 6.76 -4.24 -0.47
CA SER A 21 5.40 -4.09 0.07
CA SER A 21 5.43 -4.07 0.12
C SER A 21 5.09 -5.29 0.96
N VAL A 22 4.38 -5.06 2.05
CA VAL A 22 3.78 -6.15 2.84
C VAL A 22 2.30 -5.85 3.04
N LYS A 23 1.47 -6.91 2.99
CA LYS A 23 0.02 -6.78 3.14
C LYS A 23 -0.53 -7.99 3.89
N PHE A 24 -1.39 -7.74 4.87
CA PHE A 24 -2.09 -8.84 5.57
C PHE A 24 -3.28 -9.32 4.75
N SER A 25 -3.50 -10.63 4.74
CA SER A 25 -4.71 -11.15 4.09
C SER A 25 -5.94 -10.69 4.86
N PRO A 26 -7.06 -10.46 4.16
CA PRO A 26 -8.28 -10.02 4.86
C PRO A 26 -8.73 -10.97 5.96
N ASN A 27 -8.49 -12.28 5.82
CA ASN A 27 -8.91 -13.20 6.86
C ASN A 27 -7.93 -13.27 8.03
N GLY A 28 -6.86 -12.47 7.99
CA GLY A 28 -5.96 -12.33 9.11
C GLY A 28 -4.92 -13.43 9.26
N GLU A 29 -4.93 -14.43 8.38
CA GLU A 29 -4.07 -15.58 8.57
C GLU A 29 -2.65 -15.37 8.06
N TRP A 30 -2.48 -14.51 7.05
CA TRP A 30 -1.25 -14.48 6.28
C TRP A 30 -0.75 -13.07 6.07
N LEU A 31 0.56 -12.98 5.86
CA LEU A 31 1.23 -11.78 5.37
C LEU A 31 1.86 -12.11 4.03
N ALA A 32 1.60 -11.29 3.01
CA ALA A 32 2.29 -11.42 1.74
C ALA A 32 3.32 -10.31 1.62
N SER A 33 4.48 -10.64 1.06
CA SER A 33 5.53 -9.66 0.79
C SER A 33 5.98 -9.74 -0.65
N SER A 34 6.32 -8.58 -1.22
CA SER A 34 6.96 -8.52 -2.53
C SER A 34 8.34 -7.92 -2.39
N SER A 35 9.19 -8.11 -3.41
CA SER A 35 10.56 -7.67 -3.29
C SER A 35 11.17 -7.38 -4.65
N ALA A 36 12.23 -6.56 -4.64
CA ALA A 36 13.06 -6.36 -5.83
C ALA A 36 13.73 -7.65 -6.30
N ASP A 37 13.70 -8.72 -5.49
CA ASP A 37 14.29 -10.00 -5.90
C ASP A 37 13.35 -10.82 -6.80
N LYS A 38 12.25 -10.23 -7.25
CA LYS A 38 11.28 -10.79 -8.20
C LYS A 38 10.35 -11.80 -7.58
N LEU A 39 10.37 -11.96 -6.25
CA LEU A 39 9.59 -12.98 -5.57
C LEU A 39 8.49 -12.39 -4.70
N ILE A 40 7.41 -13.16 -4.54
CA ILE A 40 6.42 -13.00 -3.49
C ILE A 40 6.69 -14.07 -2.43
N LYS A 41 6.59 -13.71 -1.16
CA LYS A 41 6.65 -14.70 -0.09
C LYS A 41 5.42 -14.58 0.81
N ILE A 42 4.95 -15.73 1.29
CA ILE A 42 3.82 -15.82 2.19
C ILE A 42 4.36 -16.24 3.56
N TRP A 43 3.84 -15.60 4.60
CA TRP A 43 4.29 -15.80 5.98
C TRP A 43 3.07 -15.88 6.90
N GLY A 44 3.18 -16.65 7.99
CA GLY A 44 2.10 -16.65 8.97
C GLY A 44 1.99 -15.31 9.68
N ALA A 45 0.76 -14.77 9.74
CA ALA A 45 0.56 -13.43 10.28
C ALA A 45 0.78 -13.36 11.80
N TYR A 46 0.57 -14.47 12.51
CA TYR A 46 0.69 -14.44 13.96
C TYR A 46 2.02 -14.94 14.49
N ASP A 47 2.69 -15.83 13.75
CA ASP A 47 3.94 -16.43 14.24
C ASP A 47 5.12 -16.12 13.34
N GLY A 48 4.92 -15.38 12.25
CA GLY A 48 6.02 -15.07 11.36
C GLY A 48 6.56 -16.24 10.57
N LYS A 49 5.94 -17.41 10.63
CA LYS A 49 6.51 -18.60 10.03
C LYS A 49 6.44 -18.53 8.50
N PHE A 50 7.59 -18.73 7.87
CA PHE A 50 7.64 -18.75 6.41
C PHE A 50 6.76 -19.87 5.88
N GLU A 51 5.90 -19.53 4.92
CA GLU A 51 4.96 -20.48 4.34
C GLU A 51 5.38 -20.90 2.93
N LYS A 52 5.54 -19.96 1.99
CA LYS A 52 5.90 -20.36 0.63
C LYS A 52 6.40 -19.17 -0.15
N THR A 53 7.08 -19.47 -1.26
CA THR A 53 7.52 -18.49 -2.24
C THR A 53 6.71 -18.65 -3.51
N ILE A 54 6.28 -17.53 -4.11
CA ILE A 54 5.55 -17.52 -5.37
C ILE A 54 6.40 -16.77 -6.39
N SER A 55 6.71 -17.42 -7.51
CA SER A 55 7.68 -16.89 -8.46
C SER A 55 7.08 -16.87 -9.86
N GLY A 56 7.65 -16.02 -10.72
CA GLY A 56 7.19 -15.97 -12.09
C GLY A 56 7.45 -14.65 -12.80
N HIS A 57 7.45 -13.55 -12.06
CA HIS A 57 7.78 -12.28 -12.70
C HIS A 57 9.23 -12.29 -13.16
N LYS A 58 9.48 -11.59 -14.27
CA LYS A 58 10.80 -11.56 -14.87
C LYS A 58 11.68 -10.42 -14.32
N LEU A 59 11.09 -9.47 -13.60
CA LEU A 59 11.83 -8.38 -12.98
C LEU A 59 11.23 -8.13 -11.61
N GLY A 60 11.79 -7.16 -10.88
CA GLY A 60 11.37 -6.93 -9.51
C GLY A 60 9.91 -6.55 -9.41
N ILE A 61 9.37 -6.73 -8.21
CA ILE A 61 7.96 -6.47 -7.91
C ILE A 61 7.87 -5.29 -6.95
N SER A 62 6.99 -4.33 -7.26
CA SER A 62 6.78 -3.13 -6.44
C SER A 62 5.65 -3.29 -5.42
N ASP A 63 4.64 -4.10 -5.70
CA ASP A 63 3.43 -4.09 -4.88
C ASP A 63 2.69 -5.41 -5.03
N VAL A 64 1.92 -5.76 -4.01
CA VAL A 64 1.02 -6.90 -4.02
C VAL A 64 -0.25 -6.53 -3.27
N ALA A 65 -1.35 -7.22 -3.61
CA ALA A 65 -2.62 -6.97 -2.95
C ALA A 65 -3.46 -8.25 -2.96
N TRP A 66 -4.28 -8.41 -1.92
CA TRP A 66 -5.10 -9.60 -1.71
C TRP A 66 -6.53 -9.40 -2.23
N SER A 67 -7.12 -10.48 -2.74
CA SER A 67 -8.55 -10.49 -2.97
C SER A 67 -9.30 -10.56 -1.65
N SER A 68 -10.59 -10.21 -1.69
CA SER A 68 -11.37 -10.07 -0.46
C SER A 68 -11.55 -11.41 0.26
N ASP A 69 -11.54 -12.51 -0.49
CA ASP A 69 -11.68 -13.84 0.12
C ASP A 69 -10.36 -14.46 0.52
N SER A 70 -9.25 -13.72 0.38
CA SER A 70 -7.89 -14.12 0.76
C SER A 70 -7.33 -15.26 -0.09
N ASN A 71 -7.96 -15.59 -1.22
CA ASN A 71 -7.50 -16.68 -2.05
C ASN A 71 -6.58 -16.25 -3.17
N LEU A 72 -6.67 -15.00 -3.63
CA LEU A 72 -5.86 -14.53 -4.74
C LEU A 72 -4.95 -13.40 -4.29
N LEU A 73 -3.83 -13.27 -4.99
CA LEU A 73 -2.96 -12.10 -4.92
C LEU A 73 -2.81 -11.51 -6.31
N VAL A 74 -2.69 -10.18 -6.40
CA VAL A 74 -2.19 -9.56 -7.61
C VAL A 74 -0.86 -8.87 -7.29
N SER A 75 0.10 -8.97 -8.22
CA SER A 75 1.40 -8.34 -8.08
C SER A 75 1.65 -7.37 -9.23
N ALA A 76 2.39 -6.30 -8.96
CA ALA A 76 2.74 -5.29 -9.95
C ALA A 76 4.25 -5.27 -10.13
N SER A 77 4.72 -5.40 -11.38
CA SER A 77 6.14 -5.69 -11.61
C SER A 77 6.78 -4.74 -12.62
N ASP A 78 8.11 -4.61 -12.52
CA ASP A 78 8.92 -3.87 -13.49
C ASP A 78 8.92 -4.52 -14.87
N ASP A 79 8.46 -5.77 -14.99
CA ASP A 79 8.33 -6.41 -16.31
C ASP A 79 7.11 -5.91 -17.06
N LYS A 80 6.43 -4.89 -16.54
CA LYS A 80 5.36 -4.13 -17.17
C LYS A 80 4.02 -4.87 -17.06
N THR A 81 3.97 -5.96 -16.32
CA THR A 81 2.74 -6.73 -16.16
C THR A 81 2.30 -6.71 -14.70
N LEU A 82 1.03 -7.05 -14.51
CA LEU A 82 0.55 -7.57 -13.25
C LEU A 82 0.27 -9.06 -13.42
N LYS A 83 0.35 -9.81 -12.32
CA LYS A 83 0.00 -11.23 -12.35
C LYS A 83 -1.00 -11.49 -11.24
N ILE A 84 -2.01 -12.31 -11.55
CA ILE A 84 -3.00 -12.78 -10.59
C ILE A 84 -2.62 -14.20 -10.20
N TRP A 85 -2.50 -14.46 -8.89
CA TRP A 85 -2.01 -15.73 -8.38
C TRP A 85 -3.06 -16.42 -7.53
N ASP A 86 -3.18 -17.73 -7.69
CA ASP A 86 -3.91 -18.53 -6.70
C ASP A 86 -2.91 -18.89 -5.60
N VAL A 87 -3.12 -18.35 -4.40
CA VAL A 87 -2.11 -18.45 -3.35
C VAL A 87 -1.89 -19.90 -2.94
N SER A 88 -2.97 -20.67 -2.77
CA SER A 88 -2.82 -22.03 -2.24
C SER A 88 -2.02 -22.91 -3.17
N SER A 89 -2.20 -22.79 -4.47
CA SER A 89 -1.49 -23.62 -5.44
C SER A 89 -0.21 -22.99 -5.93
N GLY A 90 -0.08 -21.66 -5.81
CA GLY A 90 1.03 -20.96 -6.41
C GLY A 90 0.89 -20.68 -7.89
N LYS A 91 -0.20 -21.10 -8.53
CA LYS A 91 -0.31 -20.89 -9.97
C LYS A 91 -0.55 -19.44 -10.32
N CYS A 92 0.04 -19.02 -11.44
CA CYS A 92 -0.32 -17.76 -12.07
C CYS A 92 -1.57 -17.98 -12.91
N LEU A 93 -2.68 -17.34 -12.52
CA LEU A 93 -3.94 -17.52 -13.23
C LEU A 93 -4.02 -16.63 -14.46
N LYS A 94 -3.48 -15.42 -14.38
CA LYS A 94 -3.60 -14.44 -15.46
C LYS A 94 -2.41 -13.51 -15.43
N THR A 95 -1.97 -13.08 -16.61
CA THR A 95 -0.98 -12.02 -16.73
C THR A 95 -1.65 -10.84 -17.42
N LEU A 96 -1.61 -9.68 -16.75
CA LEU A 96 -2.33 -8.48 -17.19
C LEU A 96 -1.34 -7.59 -17.94
N LYS A 97 -1.52 -7.47 -19.26
CA LYS A 97 -0.59 -6.78 -20.13
C LYS A 97 -1.24 -5.55 -20.73
N GLY A 98 -0.47 -4.46 -20.79
CA GLY A 98 -1.00 -3.23 -21.34
C GLY A 98 -0.18 -2.01 -20.96
N HIS A 99 0.31 -1.95 -19.72
CA HIS A 99 1.16 -0.84 -19.33
C HIS A 99 2.43 -0.83 -20.17
N SER A 100 2.97 0.35 -20.40
CA SER A 100 4.14 0.53 -21.25
C SER A 100 5.38 0.86 -20.44
N ASN A 101 5.30 0.73 -19.11
CA ASN A 101 6.42 0.98 -18.23
C ASN A 101 6.14 0.22 -16.95
N TYR A 102 7.06 0.31 -15.98
CA TYR A 102 6.92 -0.41 -14.71
C TYR A 102 5.53 -0.23 -14.13
N VAL A 103 4.92 -1.33 -13.65
CA VAL A 103 3.69 -1.22 -12.88
C VAL A 103 4.08 -1.09 -11.42
N PHE A 104 3.59 -0.03 -10.76
CA PHE A 104 4.08 0.34 -9.45
C PHE A 104 3.13 0.04 -8.30
N CYS A 105 1.82 0.12 -8.52
CA CYS A 105 0.87 -0.01 -7.41
C CYS A 105 -0.38 -0.72 -7.90
N CYS A 106 -1.05 -1.42 -6.98
CA CYS A 106 -2.19 -2.23 -7.36
C CYS A 106 -3.11 -2.51 -6.18
N ASN A 107 -4.37 -2.83 -6.50
CA ASN A 107 -5.38 -3.13 -5.49
C ASN A 107 -6.59 -3.79 -6.16
N PHE A 108 -7.22 -4.71 -5.44
CA PHE A 108 -8.54 -5.22 -5.81
C PHE A 108 -9.62 -4.27 -5.31
N ASN A 109 -10.79 -4.31 -5.95
CA ASN A 109 -11.95 -3.65 -5.36
C ASN A 109 -12.54 -4.56 -4.30
N PRO A 110 -13.46 -4.06 -3.47
CA PRO A 110 -14.02 -4.93 -2.41
C PRO A 110 -14.73 -6.18 -2.94
N GLN A 111 -15.46 -6.07 -4.06
CA GLN A 111 -16.04 -7.25 -4.69
C GLN A 111 -14.98 -8.19 -5.26
N SER A 112 -13.79 -7.66 -5.55
CA SER A 112 -12.65 -8.39 -6.10
C SER A 112 -12.94 -8.98 -7.48
N ASN A 113 -13.85 -8.33 -8.24
CA ASN A 113 -13.97 -8.60 -9.67
C ASN A 113 -13.13 -7.66 -10.51
N LEU A 114 -12.59 -6.59 -9.91
CA LEU A 114 -11.76 -5.63 -10.62
C LEU A 114 -10.42 -5.49 -9.93
N ILE A 115 -9.40 -5.16 -10.70
CA ILE A 115 -8.11 -4.71 -10.19
C ILE A 115 -7.83 -3.32 -10.75
N VAL A 116 -7.26 -2.45 -9.93
CA VAL A 116 -6.75 -1.16 -10.40
C VAL A 116 -5.22 -1.14 -10.27
N SER A 117 -4.55 -0.52 -11.25
CA SER A 117 -3.10 -0.43 -11.26
C SER A 117 -2.67 0.98 -11.61
N GLY A 118 -1.49 1.36 -11.12
CA GLY A 118 -0.84 2.60 -11.52
C GLY A 118 0.58 2.31 -11.95
N SER A 119 1.06 3.12 -12.90
CA SER A 119 2.31 2.81 -13.58
C SER A 119 3.19 4.05 -13.76
N PHE A 120 4.48 3.81 -13.99
CA PHE A 120 5.39 4.84 -14.46
C PHE A 120 4.96 5.40 -15.81
N ASP A 121 4.13 4.68 -16.56
CA ASP A 121 3.63 5.21 -17.83
C ASP A 121 2.56 6.29 -17.63
N GLU A 122 2.26 6.66 -16.39
CA GLU A 122 1.45 7.82 -15.97
C GLU A 122 -0.04 7.50 -16.06
N SER A 123 -0.42 6.28 -16.42
CA SER A 123 -1.82 5.89 -16.51
C SER A 123 -2.24 5.07 -15.29
N VAL A 124 -3.55 5.03 -15.11
CA VAL A 124 -4.24 4.12 -14.21
C VAL A 124 -5.06 3.17 -15.08
N ARG A 125 -4.98 1.87 -14.81
CA ARG A 125 -5.76 0.92 -15.59
C ARG A 125 -6.69 0.11 -14.68
N ILE A 126 -7.87 -0.20 -15.21
CA ILE A 126 -8.86 -1.00 -14.51
C ILE A 126 -8.99 -2.32 -15.26
N TRP A 127 -8.88 -3.43 -14.54
CA TRP A 127 -8.79 -4.75 -15.16
C TRP A 127 -9.90 -5.67 -14.65
N ASP A 128 -10.36 -6.54 -15.55
CA ASP A 128 -11.32 -7.55 -15.19
C ASP A 128 -10.59 -8.77 -14.66
N VAL A 129 -10.88 -9.15 -13.42
CA VAL A 129 -10.15 -10.26 -12.78
C VAL A 129 -10.41 -11.56 -13.53
N LYS A 130 -11.67 -11.80 -13.91
CA LYS A 130 -12.06 -13.08 -14.51
C LYS A 130 -11.32 -13.32 -15.82
N THR A 131 -11.24 -12.31 -16.68
CA THR A 131 -10.67 -12.48 -18.01
C THR A 131 -9.25 -11.96 -18.14
N GLY A 132 -8.78 -11.16 -17.20
CA GLY A 132 -7.48 -10.54 -17.34
C GLY A 132 -7.41 -9.40 -18.33
N LYS A 133 -8.54 -9.01 -18.92
CA LYS A 133 -8.56 -7.95 -19.91
C LYS A 133 -8.57 -6.57 -19.27
N CYS A 134 -7.90 -5.62 -19.92
CA CYS A 134 -7.97 -4.23 -19.48
C CYS A 134 -9.30 -3.64 -19.93
N LEU A 135 -10.08 -3.13 -18.95
CA LEU A 135 -11.39 -2.55 -19.25
C LEU A 135 -11.29 -1.07 -19.57
N LYS A 136 -10.44 -0.33 -18.86
CA LYS A 136 -10.30 1.10 -19.05
C LYS A 136 -8.86 1.52 -18.82
N THR A 137 -8.39 2.47 -19.61
CA THR A 137 -7.12 3.15 -19.39
C THR A 137 -7.41 4.62 -19.14
N LEU A 138 -7.11 5.09 -17.96
CA LEU A 138 -7.35 6.48 -17.57
C LEU A 138 -6.10 7.30 -17.79
N PRO A 139 -6.18 8.44 -18.45
CA PRO A 139 -5.03 9.34 -18.65
C PRO A 139 -4.80 10.14 -17.39
N ALA A 140 -4.40 9.43 -16.35
CA ALA A 140 -4.64 9.91 -14.99
C ALA A 140 -3.71 11.04 -14.60
N HIS A 141 -2.43 10.98 -14.99
CA HIS A 141 -1.42 11.87 -14.44
C HIS A 141 -0.38 12.20 -15.50
N SER A 142 0.54 13.12 -15.15
CA SER A 142 1.59 13.53 -16.06
C SER A 142 2.98 13.21 -15.49
N ASP A 143 3.00 12.32 -14.51
CA ASP A 143 4.21 11.77 -13.91
C ASP A 143 3.85 10.40 -13.34
N PRO A 144 4.82 9.62 -12.87
CA PRO A 144 4.48 8.29 -12.37
C PRO A 144 3.40 8.31 -11.30
N VAL A 145 2.56 7.27 -11.32
CA VAL A 145 1.44 7.10 -10.41
C VAL A 145 1.91 6.35 -9.17
N SER A 146 1.79 7.00 -8.01
CA SER A 146 2.37 6.44 -6.78
C SER A 146 1.43 5.57 -5.97
N ALA A 147 0.11 5.70 -6.15
CA ALA A 147 -0.83 4.87 -5.40
C ALA A 147 -2.17 4.84 -6.15
N VAL A 148 -2.89 3.72 -5.99
CA VAL A 148 -4.27 3.56 -6.45
C VAL A 148 -5.03 2.76 -5.40
N HIS A 149 -6.28 3.15 -5.12
CA HIS A 149 -7.07 2.53 -4.06
C HIS A 149 -8.56 2.68 -4.34
N PHE A 150 -9.33 1.62 -4.09
CA PHE A 150 -10.79 1.68 -4.18
C PHE A 150 -11.38 2.08 -2.84
N ASN A 151 -12.51 2.79 -2.89
CA ASN A 151 -13.23 3.08 -1.66
C ASN A 151 -14.04 1.86 -1.22
N ARG A 152 -14.81 2.03 -0.15
CA ARG A 152 -15.35 0.88 0.56
C ARG A 152 -16.43 0.13 -0.21
N ASP A 153 -17.10 0.76 -1.19
CA ASP A 153 -18.04 0.04 -2.04
C ASP A 153 -17.58 -0.11 -3.48
N GLY A 154 -16.30 0.20 -3.76
CA GLY A 154 -15.79 0.02 -5.10
C GLY A 154 -16.23 1.06 -6.12
N SER A 155 -17.05 2.04 -5.74
CA SER A 155 -17.58 3.00 -6.72
C SER A 155 -16.58 4.09 -7.10
N LEU A 156 -15.54 4.29 -6.29
CA LEU A 156 -14.55 5.33 -6.52
C LEU A 156 -13.15 4.71 -6.46
N ILE A 157 -12.26 5.31 -7.22
CA ILE A 157 -10.82 5.06 -7.18
C ILE A 157 -10.13 6.37 -6.84
N VAL A 158 -9.15 6.33 -5.95
CA VAL A 158 -8.29 7.49 -5.71
C VAL A 158 -6.90 7.16 -6.23
N SER A 159 -6.29 8.13 -6.92
CA SER A 159 -4.93 7.99 -7.42
C SER A 159 -4.09 9.17 -6.96
N SER A 160 -2.77 8.94 -6.92
CA SER A 160 -1.81 10.00 -6.60
C SER A 160 -0.61 9.90 -7.51
N SER A 161 0.13 11.01 -7.62
CA SER A 161 1.26 11.03 -8.53
C SER A 161 2.32 12.05 -8.11
N TYR A 162 3.53 11.84 -8.63
CA TYR A 162 4.59 12.84 -8.51
C TYR A 162 4.25 14.14 -9.21
N ASP A 163 3.20 14.18 -10.04
CA ASP A 163 2.77 15.44 -10.64
C ASP A 163 2.10 16.37 -9.62
N GLY A 164 2.04 15.99 -8.35
CA GLY A 164 1.45 16.80 -7.30
C GLY A 164 -0.06 16.72 -7.18
N LEU A 165 -0.71 15.83 -7.93
CA LEU A 165 -2.15 15.73 -7.94
C LEU A 165 -2.63 14.49 -7.20
N CYS A 166 -3.80 14.61 -6.56
CA CYS A 166 -4.61 13.48 -6.16
C CYS A 166 -5.90 13.58 -6.97
N ARG A 167 -6.32 12.47 -7.58
CA ARG A 167 -7.54 12.46 -8.38
C ARG A 167 -8.49 11.38 -7.91
N ILE A 168 -9.79 11.68 -8.03
CA ILE A 168 -10.85 10.76 -7.67
C ILE A 168 -11.59 10.38 -8.93
N TRP A 169 -11.80 9.10 -9.14
CA TRP A 169 -12.33 8.57 -10.40
C TRP A 169 -13.60 7.77 -10.16
N ASP A 170 -14.57 7.91 -11.06
CA ASP A 170 -15.74 7.06 -11.08
C ASP A 170 -15.37 5.71 -11.69
N THR A 171 -15.44 4.64 -10.89
CA THR A 171 -15.08 3.31 -11.37
C THR A 171 -15.91 2.92 -12.59
N ALA A 172 -17.21 3.22 -12.59
CA ALA A 172 -18.08 2.74 -13.65
C ALA A 172 -17.79 3.41 -14.99
N SER A 173 -17.64 4.73 -14.99
CA SER A 173 -17.47 5.49 -16.22
C SER A 173 -16.02 5.78 -16.57
N GLY A 174 -15.13 5.71 -15.60
CA GLY A 174 -13.77 6.17 -15.80
C GLY A 174 -13.59 7.67 -15.75
N GLN A 175 -14.66 8.44 -15.49
CA GLN A 175 -14.53 9.89 -15.51
C GLN A 175 -13.78 10.40 -14.28
N CYS A 176 -12.98 11.45 -14.48
CA CYS A 176 -12.33 12.13 -13.36
C CYS A 176 -13.34 13.01 -12.65
N LEU A 177 -13.61 12.71 -11.39
CA LEU A 177 -14.59 13.46 -10.63
C LEU A 177 -14.00 14.63 -9.85
N LYS A 178 -12.72 14.56 -9.49
CA LYS A 178 -12.14 15.64 -8.70
C LYS A 178 -10.63 15.60 -8.86
N THR A 179 -10.01 16.79 -8.92
CA THR A 179 -8.58 16.95 -8.84
C THR A 179 -8.27 17.76 -7.59
N LEU A 180 -7.36 17.26 -6.75
CA LEU A 180 -7.05 17.89 -5.47
C LEU A 180 -5.59 18.28 -5.41
N ILE A 181 -5.33 19.53 -5.05
CA ILE A 181 -3.98 20.09 -5.05
C ILE A 181 -3.64 20.55 -3.63
N ASP A 182 -2.35 20.81 -3.40
CA ASP A 182 -1.88 21.31 -2.13
C ASP A 182 -0.79 22.34 -2.38
N ASP A 183 -0.58 23.22 -1.41
CA ASP A 183 0.32 24.35 -1.59
C ASP A 183 1.71 23.90 -2.03
N ASP A 184 2.22 24.53 -3.08
CA ASP A 184 3.56 24.33 -3.64
C ASP A 184 3.72 23.01 -4.37
N ASN A 185 2.63 22.27 -4.60
CA ASN A 185 2.59 21.02 -5.36
C ASN A 185 3.73 20.03 -5.12
N PRO A 186 3.99 19.66 -3.86
CA PRO A 186 4.95 18.57 -3.64
C PRO A 186 4.43 17.29 -4.26
N PRO A 187 5.33 16.41 -4.72
CA PRO A 187 4.91 15.08 -5.16
C PRO A 187 4.00 14.41 -4.12
N VAL A 188 2.92 13.80 -4.61
CA VAL A 188 2.02 13.02 -3.75
C VAL A 188 2.50 11.57 -3.85
N SER A 189 3.04 11.06 -2.74
CA SER A 189 3.76 9.78 -2.76
C SER A 189 2.93 8.60 -2.30
N PHE A 190 1.75 8.82 -1.72
CA PHE A 190 0.85 7.78 -1.28
C PHE A 190 -0.51 8.39 -0.99
N VAL A 191 -1.56 7.63 -1.29
CA VAL A 191 -2.91 8.00 -0.87
CA VAL A 191 -2.93 8.00 -0.91
C VAL A 191 -3.71 6.72 -0.68
N LYS A 192 -4.70 6.78 0.23
CA LYS A 192 -5.67 5.71 0.38
C LYS A 192 -6.90 6.26 1.09
N PHE A 193 -8.05 5.64 0.80
CA PHE A 193 -9.28 6.00 1.50
C PHE A 193 -9.26 5.51 2.94
N SER A 194 -9.93 6.26 3.80
CA SER A 194 -10.18 5.80 5.16
C SER A 194 -11.16 4.62 5.14
N PRO A 195 -11.15 3.79 6.18
CA PRO A 195 -12.05 2.62 6.19
C PRO A 195 -13.51 2.98 5.98
N ASN A 196 -13.98 4.10 6.52
CA ASN A 196 -15.37 4.50 6.33
C ASN A 196 -15.62 5.16 4.98
N GLY A 197 -14.58 5.42 4.18
CA GLY A 197 -14.75 5.97 2.86
C GLY A 197 -14.89 7.47 2.78
N LYS A 198 -14.88 8.17 3.91
CA LYS A 198 -15.17 9.60 3.93
C LYS A 198 -13.92 10.45 3.74
N TYR A 199 -12.74 9.93 4.04
CA TYR A 199 -11.52 10.71 4.03
C TYR A 199 -10.49 10.05 3.13
N ILE A 200 -9.46 10.80 2.76
CA ILE A 200 -8.27 10.20 2.18
C ILE A 200 -7.06 10.64 2.99
N LEU A 201 -6.15 9.69 3.22
CA LEU A 201 -4.86 9.95 3.83
C LEU A 201 -3.83 10.09 2.73
N ALA A 202 -3.10 11.21 2.71
CA ALA A 202 -2.20 11.50 1.60
C ALA A 202 -0.82 11.88 2.14
N ALA A 203 0.21 11.24 1.60
CA ALA A 203 1.60 11.60 1.89
C ALA A 203 2.16 12.47 0.80
N THR A 204 2.94 13.49 1.20
CA THR A 204 3.67 14.31 0.24
C THR A 204 5.15 14.32 0.63
N LEU A 205 6.01 14.55 -0.36
CA LEU A 205 7.46 14.43 -0.16
C LEU A 205 8.07 15.69 0.44
N ASP A 206 7.30 16.32 1.32
CA ASP A 206 7.77 17.36 2.23
C ASP A 206 7.66 16.89 3.67
N ASN A 207 7.84 15.59 3.90
CA ASN A 207 7.83 15.01 5.25
C ASN A 207 6.49 15.21 5.96
N THR A 208 5.39 15.12 5.19
CA THR A 208 4.08 15.41 5.74
C THR A 208 3.04 14.40 5.30
N LEU A 209 2.21 13.96 6.26
CA LEU A 209 1.00 13.18 5.99
C LEU A 209 -0.21 14.02 6.35
N LYS A 210 -1.27 13.93 5.55
CA LYS A 210 -2.48 14.73 5.78
C LYS A 210 -3.73 13.88 5.62
N LEU A 211 -4.71 14.12 6.49
CA LEU A 211 -6.03 13.54 6.40
C LEU A 211 -6.96 14.58 5.79
N TRP A 212 -7.55 14.26 4.65
CA TRP A 212 -8.37 15.20 3.89
C TRP A 212 -9.82 14.74 3.85
N ASP A 213 -10.75 15.70 3.93
CA ASP A 213 -12.13 15.45 3.51
C ASP A 213 -12.16 15.79 2.02
N TYR A 214 -12.18 14.76 1.17
CA TYR A 214 -12.06 15.04 -0.26
C TYR A 214 -13.32 15.63 -0.85
N SER A 215 -14.49 15.34 -0.27
CA SER A 215 -15.73 15.94 -0.74
C SER A 215 -15.72 17.45 -0.58
N LYS A 216 -15.27 17.92 0.58
CA LYS A 216 -15.21 19.35 0.86
C LYS A 216 -13.88 19.97 0.46
N GLY A 217 -12.89 19.16 0.09
CA GLY A 217 -11.57 19.69 -0.23
C GLY A 217 -10.89 20.35 0.96
N LYS A 218 -11.08 19.81 2.16
CA LYS A 218 -10.61 20.45 3.38
C LYS A 218 -9.63 19.52 4.09
N CYS A 219 -8.49 20.08 4.49
CA CYS A 219 -7.50 19.31 5.25
C CYS A 219 -7.88 19.30 6.71
N LEU A 220 -8.04 18.09 7.28
CA LEU A 220 -8.52 17.97 8.65
C LEU A 220 -7.42 17.71 9.66
N LYS A 221 -6.36 16.98 9.27
CA LYS A 221 -5.28 16.64 10.20
C LYS A 221 -3.95 16.63 9.44
N THR A 222 -2.89 16.99 10.14
CA THR A 222 -1.53 16.97 9.59
C THR A 222 -0.64 16.23 10.57
N TYR A 223 0.13 15.26 10.05
CA TYR A 223 1.04 14.45 10.85
C TYR A 223 2.46 14.64 10.36
N THR A 224 3.37 14.98 11.27
CA THR A 224 4.76 15.25 10.93
C THR A 224 5.67 14.66 11.98
N GLY A 225 6.97 14.80 11.76
CA GLY A 225 7.98 14.27 12.66
C GLY A 225 8.81 13.17 12.05
N HIS A 226 8.30 12.51 11.01
CA HIS A 226 9.02 11.49 10.27
C HIS A 226 9.79 12.11 9.11
N LYS A 227 10.53 11.28 8.38
CA LYS A 227 11.32 11.71 7.25
C LYS A 227 10.76 11.06 5.99
N ASN A 228 10.30 11.90 5.05
CA ASN A 228 9.79 11.36 3.79
C ASN A 228 9.97 12.43 2.72
N GLU A 229 11.11 12.34 2.04
CA GLU A 229 11.47 13.29 0.99
C GLU A 229 11.80 12.62 -0.34
N LYS A 230 11.84 11.28 -0.40
CA LYS A 230 12.28 10.60 -1.60
C LYS A 230 11.32 9.48 -2.02
N TYR A 231 10.91 8.64 -1.08
CA TYR A 231 10.24 7.38 -1.40
C TYR A 231 8.73 7.43 -1.23
N CYS A 232 8.07 6.52 -1.94
CA CYS A 232 6.62 6.30 -1.82
C CYS A 232 6.42 5.29 -0.70
N ILE A 233 6.14 5.79 0.50
CA ILE A 233 6.04 4.98 1.71
C ILE A 233 4.56 4.78 2.01
N PHE A 234 4.17 3.53 2.21
CA PHE A 234 2.80 3.22 2.59
C PHE A 234 2.46 3.86 3.94
N ALA A 235 1.20 4.23 4.12
CA ALA A 235 0.68 4.65 5.41
C ALA A 235 -0.65 3.96 5.65
N ASN A 236 -1.08 3.93 6.92
CA ASN A 236 -2.22 3.09 7.27
C ASN A 236 -3.08 3.77 8.33
N PHE A 237 -4.36 3.38 8.34
CA PHE A 237 -5.25 3.58 9.48
C PHE A 237 -5.22 2.33 10.35
N SER A 238 -4.87 2.48 11.62
CA SER A 238 -4.92 1.38 12.59
C SER A 238 -6.20 1.53 13.40
N VAL A 239 -7.07 0.52 13.36
CA VAL A 239 -8.41 0.65 13.92
C VAL A 239 -8.77 -0.50 14.85
N THR A 240 -7.89 -1.46 15.06
CA THR A 240 -8.25 -2.60 15.89
C THR A 240 -8.23 -2.27 17.38
N GLY A 241 -7.45 -1.27 17.77
CA GLY A 241 -7.38 -0.83 19.15
C GLY A 241 -7.62 0.66 19.19
N GLY A 242 -6.63 1.42 19.67
CA GLY A 242 -6.70 2.86 19.51
C GLY A 242 -6.65 3.25 18.05
N LYS A 243 -7.19 4.43 17.74
CA LYS A 243 -7.23 4.91 16.36
C LYS A 243 -5.94 5.66 16.05
N TRP A 244 -5.06 5.02 15.29
CA TRP A 244 -3.75 5.58 14.97
C TRP A 244 -3.58 5.80 13.48
N ILE A 245 -2.56 6.57 13.15
CA ILE A 245 -1.98 6.60 11.80
C ILE A 245 -0.60 5.95 11.91
N VAL A 246 -0.28 5.08 10.97
CA VAL A 246 0.98 4.33 10.97
C VAL A 246 1.70 4.59 9.65
N SER A 247 3.01 4.85 9.73
CA SER A 247 3.79 5.05 8.52
C SER A 247 5.23 4.61 8.71
N GLY A 248 5.86 4.18 7.63
CA GLY A 248 7.31 4.06 7.57
C GLY A 248 7.96 5.43 7.46
N SER A 249 9.28 5.42 7.35
CA SER A 249 10.05 6.65 7.41
C SER A 249 11.46 6.39 6.92
N GLU A 250 12.08 7.44 6.38
CA GLU A 250 13.41 7.33 5.80
C GLU A 250 14.52 7.40 6.86
N ASP A 251 14.16 7.55 8.15
CA ASP A 251 15.11 7.40 9.24
C ASP A 251 15.03 6.02 9.88
N ASN A 252 14.47 5.04 9.18
CA ASN A 252 14.49 3.61 9.55
C ASN A 252 13.54 3.26 10.67
N LEU A 253 12.60 4.14 11.03
CA LEU A 253 11.67 3.92 12.13
C LEU A 253 10.25 3.74 11.60
N VAL A 254 9.42 3.03 12.36
CA VAL A 254 7.97 3.07 12.18
C VAL A 254 7.40 4.15 13.09
N TYR A 255 6.61 5.06 12.52
CA TYR A 255 5.94 6.11 13.27
C TYR A 255 4.48 5.79 13.48
N ILE A 256 3.98 6.06 14.69
CA ILE A 256 2.58 5.90 15.05
C ILE A 256 2.09 7.21 15.65
N TRP A 257 1.01 7.76 15.09
CA TRP A 257 0.40 8.99 15.57
C TRP A 257 -1.00 8.71 16.10
N ASN A 258 -1.40 9.53 17.07
CA ASN A 258 -2.80 9.61 17.45
C ASN A 258 -3.57 10.31 16.33
N LEU A 259 -4.58 9.63 15.78
CA LEU A 259 -5.28 10.20 14.63
C LEU A 259 -5.89 11.56 14.96
N GLN A 260 -6.55 11.68 16.12
CA GLN A 260 -7.25 12.93 16.44
C GLN A 260 -6.30 14.04 16.89
N THR A 261 -5.36 13.73 17.78
CA THR A 261 -4.51 14.76 18.38
C THR A 261 -3.26 15.06 17.56
N LYS A 262 -2.90 14.18 16.62
CA LYS A 262 -1.72 14.29 15.77
C LYS A 262 -0.40 14.15 16.52
N GLU A 263 -0.42 13.78 17.81
CA GLU A 263 0.84 13.56 18.50
C GLU A 263 1.44 12.21 18.13
N ILE A 264 2.78 12.17 18.07
CA ILE A 264 3.48 10.90 17.93
C ILE A 264 3.33 10.11 19.21
N VAL A 265 2.78 8.90 19.11
CA VAL A 265 2.57 8.09 20.30
C VAL A 265 3.57 6.95 20.41
N GLN A 266 4.23 6.57 19.33
CA GLN A 266 5.29 5.57 19.42
C GLN A 266 6.16 5.62 18.16
N LYS A 267 7.45 5.35 18.34
CA LYS A 267 8.39 5.12 17.25
C LYS A 267 9.03 3.76 17.45
N LEU A 268 8.97 2.90 16.45
CA LEU A 268 9.46 1.52 16.56
C LEU A 268 10.86 1.43 15.95
N GLN A 269 11.85 1.10 16.77
CA GLN A 269 13.22 0.98 16.31
C GLN A 269 13.57 -0.49 16.11
N GLY A 270 14.34 -0.76 15.05
CA GLY A 270 14.81 -2.11 14.77
C GLY A 270 15.31 -2.27 13.35
N HIS A 271 14.67 -1.59 12.41
CA HIS A 271 15.14 -1.71 11.04
C HIS A 271 16.45 -0.93 10.84
N THR A 272 17.20 -1.35 9.83
CA THR A 272 18.51 -0.76 9.55
C THR A 272 18.56 -0.05 8.20
N ASP A 273 17.42 0.10 7.54
CA ASP A 273 17.29 0.87 6.31
C ASP A 273 15.89 1.45 6.30
N VAL A 274 15.60 2.26 5.27
CA VAL A 274 14.31 2.93 5.12
C VAL A 274 13.17 1.94 5.31
N VAL A 275 12.20 2.29 6.15
CA VAL A 275 10.98 1.49 6.30
C VAL A 275 10.02 1.94 5.20
N ILE A 276 9.93 1.14 4.15
CA ILE A 276 9.20 1.51 2.94
C ILE A 276 7.72 1.13 3.01
N SER A 277 7.35 0.18 3.87
CA SER A 277 6.01 -0.36 3.85
C SER A 277 5.63 -0.75 5.26
N THR A 278 4.41 -0.41 5.65
CA THR A 278 3.80 -0.89 6.87
C THR A 278 2.41 -1.38 6.52
N ALA A 279 1.89 -2.29 7.34
CA ALA A 279 0.52 -2.76 7.21
C ALA A 279 -0.03 -3.07 8.59
N CYS A 280 -1.34 -3.00 8.72
CA CYS A 280 -2.04 -3.18 9.99
C CYS A 280 -2.98 -4.38 9.89
N HIS A 281 -2.84 -5.31 10.85
CA HIS A 281 -3.64 -6.52 10.84
C HIS A 281 -5.13 -6.19 10.94
N PRO A 282 -6.00 -6.98 10.28
CA PRO A 282 -7.43 -6.61 10.23
C PRO A 282 -8.19 -6.77 11.54
N THR A 283 -7.76 -7.64 12.46
CA THR A 283 -8.50 -7.84 13.70
C THR A 283 -7.66 -7.72 14.96
N GLU A 284 -6.36 -7.95 14.89
CA GLU A 284 -5.47 -7.91 16.04
C GLU A 284 -4.55 -6.70 15.94
N ASN A 285 -4.04 -6.24 17.09
CA ASN A 285 -3.11 -5.10 17.13
C ASN A 285 -1.73 -5.60 16.74
N ILE A 286 -1.54 -5.81 15.44
CA ILE A 286 -0.30 -6.31 14.87
C ILE A 286 0.06 -5.42 13.70
N ILE A 287 1.31 -4.94 13.67
CA ILE A 287 1.85 -4.15 12.57
C ILE A 287 2.95 -4.96 11.90
N ALA A 288 2.93 -5.00 10.57
CA ALA A 288 4.06 -5.52 9.80
C ALA A 288 4.79 -4.34 9.18
N SER A 289 6.12 -4.42 9.14
CA SER A 289 6.96 -3.39 8.52
C SER A 289 8.03 -4.06 7.68
N ALA A 290 8.50 -3.36 6.64
CA ALA A 290 9.49 -3.89 5.71
C ALA A 290 10.47 -2.80 5.30
N ALA A 291 11.72 -3.19 5.05
CA ALA A 291 12.78 -2.20 4.81
C ALA A 291 13.53 -2.47 3.52
N LEU A 292 14.31 -1.47 3.11
CA LEU A 292 14.99 -1.47 1.81
C LEU A 292 16.29 -2.31 1.88
N GLU A 293 17.14 -2.15 0.85
CA GLU A 293 18.15 -3.15 0.46
C GLU A 293 19.17 -3.48 1.56
N ASN A 294 19.53 -2.51 2.39
CA ASN A 294 20.58 -2.77 3.39
C ASN A 294 20.06 -3.55 4.59
N ASP A 295 18.76 -3.76 4.68
CA ASP A 295 18.07 -4.49 5.75
C ASP A 295 17.39 -5.74 5.21
N LYS A 296 16.43 -5.56 4.30
CA LYS A 296 15.63 -6.57 3.59
C LYS A 296 14.92 -7.54 4.53
N THR A 297 14.67 -7.17 5.78
CA THR A 297 13.82 -7.97 6.63
C THR A 297 12.44 -7.33 6.81
N ILE A 298 11.53 -8.18 7.27
CA ILE A 298 10.16 -7.83 7.62
C ILE A 298 10.02 -8.02 9.11
N LYS A 299 9.31 -7.13 9.78
CA LYS A 299 9.15 -7.27 11.23
C LYS A 299 7.68 -7.27 11.60
N LEU A 300 7.32 -8.09 12.59
CA LEU A 300 5.98 -8.14 13.14
C LEU A 300 6.02 -7.61 14.56
N TRP A 301 5.22 -6.59 14.84
CA TRP A 301 5.14 -5.92 16.13
C TRP A 301 3.76 -6.11 16.69
N LYS A 302 3.66 -6.33 18.01
CA LYS A 302 2.37 -6.58 18.63
C LYS A 302 2.16 -5.65 19.83
N SER A 303 0.91 -5.19 19.99
CA SER A 303 0.55 -4.25 21.03
C SER A 303 -0.68 -4.76 21.78
N ASP A 304 -0.80 -4.31 23.02
CA ASP A 304 -1.95 -4.68 23.83
C ASP A 304 -3.17 -3.83 23.52
N CYS A 305 -2.98 -2.69 22.87
CA CYS A 305 -4.09 -1.79 22.53
C CYS A 305 -3.77 -1.07 21.23
C1 BEN B . -3.66 16.37 -2.11
C2 BEN B . -3.85 15.04 -1.75
C3 BEN B . -5.05 14.65 -1.16
C4 BEN B . -6.06 15.58 -0.95
C5 BEN B . -5.86 16.92 -1.30
C6 BEN B . -4.66 17.31 -1.88
C BEN B . -2.45 16.77 -2.69
N1 BEN B . -1.36 16.84 -1.95
N2 BEN B . -2.36 17.11 -3.97
N1 UY9 C . 10.70 4.39 -5.55
N3 UY9 C . 11.80 -2.47 -5.56
C4 UY9 C . 8.51 2.56 -3.29
C5 UY9 C . 8.09 1.26 -3.01
C6 UY9 C . 8.73 0.20 -3.64
C7 UY9 C . 11.31 1.98 -5.79
C8 UY9 C . 11.18 3.34 -6.44
C10 UY9 C . 10.41 -0.74 -5.17
C13 UY9 C . 10.02 -1.35 -6.32
C15 UY9 C . 3.98 0.71 -4.06
C17 UY9 C . 12.37 -1.25 -3.55
C20 UY9 C . 10.67 7.54 -7.55
C21 UY9 C . 12.60 7.53 -6.27
C22 UY9 C . 12.27 6.29 -5.68
C24 UY9 C . 8.26 6.33 -8.37
C26 UY9 C . 9.85 8.16 -8.51
C28 UY9 C . 5.77 6.52 -8.36
C1 UY9 C . 9.79 0.42 -4.53
C11 UY9 C . 6.96 1.03 -2.04
C12 UY9 C . 11.52 -1.46 -4.74
C14 UY9 C . 4.70 2.05 -2.52
C16 UY9 C . 5.21 0.27 -3.69
C18 UY9 C . 11.10 5.67 -6.04
C19 UY9 C . 10.28 6.31 -7.01
C2 UY9 C . 10.18 1.74 -4.82
C23 UY9 C . 9.05 5.72 -7.45
C25 UY9 C . 8.67 7.54 -8.91
C27 UY9 C . 6.95 5.70 -8.81
C29 UY9 C . 10.18 9.47 -9.18
C3 UY9 C . 9.55 2.80 -4.19
C30 UY9 C . 11.44 11.54 -9.28
C31 UY9 C . 10.85 -3.32 -7.66
C9 UY9 C . 9.90 4.21 -4.46
F1 UY9 C . 11.90 -1.87 -2.49
F2 UY9 C . 12.53 0.04 -3.25
F3 UY9 C . 13.59 -1.64 -3.81
N2 UY9 C . 5.67 1.12 -2.72
N4 UY9 C . 10.86 -2.39 -6.55
N5 UY9 C . 3.66 1.82 -3.30
N6 UY9 C . 11.84 8.14 -7.17
N7 UY9 C . 11.09 10.28 -8.66
O1 UY9 C . 9.51 5.18 -3.84
O2 UY9 C . 9.61 9.71 -10.24
#